data_4UI3
#
_entry.id   4UI3
#
_cell.length_a   91.550
_cell.length_b   97.990
_cell.length_c   118.820
_cell.angle_alpha   90.00
_cell.angle_beta   90.00
_cell.angle_gamma   90.00
#
_symmetry.space_group_name_H-M   'C 2 2 21'
#
loop_
_entity.id
_entity.type
_entity.pdbx_description
1 polymer TANKYRASE-2
2 polymer TANKYRASE-2
3 non-polymer 'ZINC ION'
4 non-polymer 'SULFATE ION'
5 non-polymer 2-[4-(trifluoromethyl)phenyl]-3H-quinazolin-4-one
6 non-polymer GLYCEROL
7 water water
#
loop_
_entity_poly.entity_id
_entity_poly.type
_entity_poly.pdbx_seq_one_letter_code
_entity_poly.pdbx_strand_id
1 'polypeptide(L)'
;MHHHHHHSSGVDLGTENLYFQSMLNTSGSGTILIDLSPDDKEFQSVEEEMQSTVREHRDGGHAGGIFNRYNILKIQKVCN
KKLWERYTHRRKEVSEENHNHANERMLFHGSPFVNAIIHKGFDERHAYIGGMFGAGIYFAENSSKSNQYVYGIGGGTGCP
VHKDRSCYICHRQLLFCRVTLGKSFLQFSAM
;
A,B
2 'polypeptide(L)' MAHSPPGHHSVTGRPSVNGLALAEYVIYRGEQAYPEYLITYQIMRPEG C,D
#
loop_
_chem_comp.id
_chem_comp.type
_chem_comp.name
_chem_comp.formula
06R non-polymer 2-[4-(trifluoromethyl)phenyl]-3H-quinazolin-4-one 'C15 H9 F3 N2 O'
GOL non-polymer GLYCEROL 'C3 H8 O3'
SO4 non-polymer 'SULFATE ION' 'O4 S -2'
ZN non-polymer 'ZINC ION' 'Zn 2'
#
# COMPACT_ATOMS: atom_id res chain seq x y z
N GLY A 30 36.25 9.34 5.15
CA GLY A 30 36.82 9.85 3.88
C GLY A 30 35.80 10.55 2.99
N THR A 31 34.63 10.94 3.51
CA THR A 31 33.66 11.60 2.61
C THR A 31 33.93 13.10 2.59
N ILE A 32 33.97 13.68 1.40
CA ILE A 32 33.86 15.11 1.29
C ILE A 32 32.65 15.54 0.46
N LEU A 33 32.11 16.70 0.81
CA LEU A 33 30.92 17.28 0.16
C LEU A 33 31.29 18.55 -0.56
N ILE A 34 31.07 18.57 -1.88
CA ILE A 34 31.40 19.72 -2.74
C ILE A 34 30.13 20.42 -3.15
N ASP A 35 30.00 21.70 -2.80
CA ASP A 35 28.83 22.48 -3.18
C ASP A 35 28.82 22.72 -4.63
N LEU A 36 27.65 22.56 -5.25
CA LEU A 36 27.49 22.89 -6.66
C LEU A 36 26.94 24.29 -6.72
N SER A 37 27.35 25.04 -7.72
CA SER A 37 26.81 26.36 -7.92
C SER A 37 25.46 26.22 -8.61
N PRO A 38 24.49 27.08 -8.26
CA PRO A 38 23.24 27.07 -9.03
C PRO A 38 23.38 27.37 -10.54
N ASP A 39 24.51 27.93 -10.94
CA ASP A 39 24.79 28.21 -12.35
C ASP A 39 25.30 26.97 -13.07
N ASP A 40 25.66 25.95 -12.32
CA ASP A 40 26.28 24.74 -12.86
C ASP A 40 25.17 23.90 -13.46
N LYS A 41 25.45 23.37 -14.64
CA LYS A 41 24.46 22.57 -15.38
C LYS A 41 24.06 21.31 -14.60
N GLU A 42 24.96 20.82 -13.75
CA GLU A 42 24.73 19.65 -12.93
C GLU A 42 23.75 19.99 -11.80
N PHE A 43 23.92 21.18 -11.21
CA PHE A 43 22.98 21.65 -10.22
C PHE A 43 21.63 21.70 -10.89
N GLN A 44 21.60 22.27 -12.08
CA GLN A 44 20.33 22.50 -12.75
C GLN A 44 19.61 21.22 -13.16
N SER A 45 20.32 20.22 -13.67
CA SER A 45 19.66 18.99 -14.07
C SER A 45 19.17 18.19 -12.83
N VAL A 46 19.92 18.19 -11.74
CA VAL A 46 19.47 17.54 -10.49
C VAL A 46 18.25 18.25 -9.89
N GLU A 47 18.26 19.60 -9.89
CA GLU A 47 17.12 20.34 -9.41
C GLU A 47 15.89 19.99 -10.25
N GLU A 48 16.05 19.93 -11.57
CA GLU A 48 14.91 19.65 -12.44
C GLU A 48 14.31 18.25 -12.18
N GLU A 49 15.15 17.24 -11.92
CA GLU A 49 14.63 15.91 -11.61
C GLU A 49 13.88 15.91 -10.26
N MET A 50 14.35 16.69 -9.31
CA MET A 50 13.64 16.87 -8.04
C MET A 50 12.24 17.50 -8.21
N GLN A 51 12.18 18.64 -8.91
CA GLN A 51 10.96 19.40 -9.03
C GLN A 51 9.96 18.65 -9.92
N SER A 52 10.43 18.06 -11.02
CA SER A 52 9.53 17.52 -12.05
C SER A 52 8.90 16.19 -11.61
N THR A 53 9.45 15.56 -10.57
CA THR A 53 8.94 14.28 -10.08
C THR A 53 8.12 14.39 -8.79
N VAL A 54 7.73 15.59 -8.39
CA VAL A 54 6.66 15.75 -7.40
C VAL A 54 5.31 15.24 -7.92
N ARG A 55 4.61 14.48 -7.12
CA ARG A 55 3.23 14.15 -7.41
C ARG A 55 2.43 14.29 -6.14
N GLU A 56 1.11 14.21 -6.29
CA GLU A 56 0.19 14.06 -5.17
C GLU A 56 0.18 12.62 -4.67
N HIS A 57 -0.07 12.50 -3.38
CA HIS A 57 0.02 11.26 -2.65
C HIS A 57 -1.31 10.93 -2.04
N ARG A 58 -1.58 9.65 -1.92
CA ARG A 58 -2.90 9.15 -1.58
C ARG A 58 -3.27 9.41 -0.14
N ASP A 59 -2.25 9.72 0.69
CA ASP A 59 -2.47 10.14 2.07
C ASP A 59 -2.86 11.62 2.22
N GLY A 60 -3.02 12.33 1.12
CA GLY A 60 -3.39 13.75 1.14
C GLY A 60 -2.34 14.64 1.80
N GLY A 61 -1.08 14.15 1.89
CA GLY A 61 0.02 14.89 2.50
C GLY A 61 0.36 14.47 3.93
N HIS A 62 -0.34 13.48 4.45
CA HIS A 62 -0.17 13.09 5.83
C HIS A 62 1.30 12.82 6.16
N ALA A 63 2.00 12.00 5.37
CA ALA A 63 3.37 11.59 5.69
C ALA A 63 4.39 12.66 5.38
N GLY A 64 4.25 13.27 4.20
CA GLY A 64 5.30 14.08 3.64
C GLY A 64 5.02 15.57 3.63
N GLY A 65 3.79 15.96 3.90
CA GLY A 65 3.36 17.33 3.82
C GLY A 65 2.61 17.68 2.55
N ILE A 66 2.12 18.91 2.52
CA ILE A 66 1.30 19.42 1.41
C ILE A 66 2.14 20.43 0.64
N PHE A 67 2.45 20.10 -0.61
CA PHE A 67 3.30 20.96 -1.43
C PHE A 67 3.21 20.49 -2.86
N ASN A 68 3.46 21.39 -3.79
CA ASN A 68 3.59 21.02 -5.19
C ASN A 68 5.00 21.16 -5.71
N ARG A 69 5.87 21.79 -4.92
CA ARG A 69 7.22 22.03 -5.33
C ARG A 69 8.09 22.33 -4.11
N TYR A 70 9.40 22.37 -4.34
CA TYR A 70 10.38 22.58 -3.29
C TYR A 70 11.13 23.90 -3.46
N ASN A 71 11.69 24.39 -2.35
CA ASN A 71 12.71 25.43 -2.37
C ASN A 71 14.05 24.74 -2.15
N ILE A 72 14.83 24.60 -3.23
CA ILE A 72 16.11 23.93 -3.17
C ILE A 72 17.12 24.89 -2.55
N LEU A 73 17.77 24.44 -1.49
CA LEU A 73 18.67 25.31 -0.72
C LEU A 73 20.13 25.04 -1.05
N LYS A 74 20.46 23.80 -1.35
CA LYS A 74 21.82 23.42 -1.59
C LYS A 74 21.83 22.06 -2.28
N ILE A 75 22.75 21.89 -3.21
CA ILE A 75 23.03 20.56 -3.79
C ILE A 75 24.51 20.33 -3.71
N GLN A 76 24.92 19.26 -3.01
CA GLN A 76 26.28 18.87 -2.84
C GLN A 76 26.58 17.51 -3.47
N LYS A 77 27.71 17.43 -4.17
CA LYS A 77 28.26 16.17 -4.67
C LYS A 77 28.97 15.44 -3.52
N VAL A 78 28.65 14.16 -3.38
CA VAL A 78 29.20 13.31 -2.32
C VAL A 78 30.38 12.57 -2.91
N CYS A 79 31.57 12.74 -2.32
CA CYS A 79 32.81 12.17 -2.85
CA CYS A 79 32.80 12.19 -2.87
C CYS A 79 33.49 11.31 -1.82
N ASN A 80 33.48 10.01 -2.05
CA ASN A 80 34.17 9.05 -1.19
C ASN A 80 34.71 7.91 -2.08
N LYS A 81 36.02 7.88 -2.23
CA LYS A 81 36.71 6.95 -3.11
C LYS A 81 36.40 5.50 -2.75
N LYS A 82 36.51 5.16 -1.48
CA LYS A 82 36.27 3.81 -1.04
C LYS A 82 34.84 3.36 -1.31
N LEU A 83 33.85 4.22 -1.03
CA LEU A 83 32.46 3.87 -1.28
C LEU A 83 32.20 3.76 -2.80
N TRP A 84 32.89 4.59 -3.60
CA TRP A 84 32.69 4.56 -5.04
C TRP A 84 33.21 3.24 -5.61
N GLU A 85 34.35 2.80 -5.12
CA GLU A 85 34.99 1.59 -5.65
C GLU A 85 34.20 0.35 -5.25
N ARG A 86 33.61 0.40 -4.06
CA ARG A 86 32.72 -0.64 -3.63
C ARG A 86 31.47 -0.77 -4.55
N TYR A 87 30.91 0.38 -4.95
CA TYR A 87 29.80 0.42 -5.90
C TYR A 87 30.20 -0.11 -7.29
N THR A 88 31.29 0.39 -7.84
CA THR A 88 31.75 -0.01 -9.20
C THR A 88 32.16 -1.49 -9.27
N HIS A 89 32.74 -2.00 -8.17
CA HIS A 89 33.07 -3.41 -8.09
C HIS A 89 31.79 -4.24 -8.24
N ARG A 90 30.77 -3.91 -7.46
CA ARG A 90 29.52 -4.66 -7.47
C ARG A 90 28.79 -4.46 -8.82
N ARG A 91 28.92 -3.26 -9.39
CA ARG A 91 28.24 -2.92 -10.63
C ARG A 91 28.76 -3.86 -11.74
N LYS A 92 30.08 -4.10 -11.75
CA LYS A 92 30.68 -4.99 -12.73
C LYS A 92 30.22 -6.44 -12.56
N GLU A 93 30.14 -6.90 -11.33
CA GLU A 93 29.60 -8.23 -11.08
C GLU A 93 28.17 -8.38 -11.63
N VAL A 94 27.29 -7.41 -11.32
CA VAL A 94 25.93 -7.49 -11.81
C VAL A 94 25.93 -7.49 -13.32
N SER A 95 26.68 -6.56 -13.91
CA SER A 95 26.75 -6.39 -15.34
C SER A 95 27.20 -7.69 -16.05
N GLU A 96 28.20 -8.35 -15.48
CA GLU A 96 28.68 -9.60 -16.09
C GLU A 96 27.68 -10.75 -15.92
N GLU A 97 26.78 -10.65 -14.93
CA GLU A 97 25.65 -11.60 -14.80
C GLU A 97 24.43 -11.25 -15.66
N ASN A 98 24.47 -10.15 -16.44
CA ASN A 98 23.28 -9.66 -17.13
C ASN A 98 23.69 -9.05 -18.47
N HIS A 99 24.29 -9.88 -19.31
CA HIS A 99 24.75 -9.49 -20.66
C HIS A 99 25.33 -8.09 -20.68
N ASN A 100 26.26 -7.83 -19.76
CA ASN A 100 26.97 -6.56 -19.70
C ASN A 100 26.04 -5.35 -19.59
N HIS A 101 24.99 -5.49 -18.79
CA HIS A 101 24.04 -4.43 -18.58
C HIS A 101 23.77 -4.28 -17.09
N ALA A 102 24.33 -3.24 -16.50
CA ALA A 102 24.13 -2.93 -15.07
C ALA A 102 22.73 -2.45 -14.77
N ASN A 103 22.05 -1.91 -15.79
CA ASN A 103 20.72 -1.37 -15.66
C ASN A 103 20.74 -0.34 -14.54
N GLU A 104 21.63 0.65 -14.74
CA GLU A 104 21.86 1.67 -13.73
C GLU A 104 20.85 2.84 -13.87
N ARG A 105 20.31 3.27 -12.74
CA ARG A 105 19.39 4.39 -12.69
C ARG A 105 19.84 5.45 -11.69
N MET A 106 19.23 6.64 -11.80
CA MET A 106 19.34 7.68 -10.79
C MET A 106 18.00 7.82 -10.09
N LEU A 107 18.03 7.60 -8.79
CA LEU A 107 16.85 7.47 -8.02
C LEU A 107 16.96 8.17 -6.66
N PHE A 108 15.82 8.55 -6.11
CA PHE A 108 15.78 9.31 -4.84
C PHE A 108 15.72 8.36 -3.65
N HIS A 109 16.34 8.77 -2.54
CA HIS A 109 16.25 8.05 -1.26
C HIS A 109 16.08 9.06 -0.15
N GLY A 110 15.05 8.86 0.66
CA GLY A 110 14.81 9.63 1.88
C GLY A 110 14.92 8.77 3.11
N SER A 111 15.56 9.30 4.14
CA SER A 111 15.86 8.52 5.32
C SER A 111 16.27 9.35 6.51
N PRO A 112 15.89 8.90 7.72
CA PRO A 112 16.48 9.62 8.84
C PRO A 112 17.99 9.46 8.94
N PHE A 113 18.58 8.51 8.22
CA PHE A 113 19.98 8.21 8.38
C PHE A 113 20.87 8.72 7.26
N VAL A 114 20.44 9.76 6.55
CA VAL A 114 21.19 10.28 5.43
CA VAL A 114 21.19 10.32 5.43
C VAL A 114 22.64 10.65 5.81
N ASN A 115 22.84 11.17 7.03
CA ASN A 115 24.20 11.48 7.47
C ASN A 115 25.08 10.26 7.64
N ALA A 116 24.56 9.17 8.21
CA ALA A 116 25.32 7.94 8.25
C ALA A 116 25.57 7.37 6.85
N ILE A 117 24.57 7.48 5.96
CA ILE A 117 24.75 6.91 4.60
C ILE A 117 25.89 7.57 3.84
N ILE A 118 25.95 8.88 3.88
CA ILE A 118 26.94 9.57 3.08
C ILE A 118 28.38 9.32 3.59
N HIS A 119 28.52 9.02 4.88
CA HIS A 119 29.84 8.74 5.47
C HIS A 119 30.27 7.29 5.44
N LYS A 120 29.33 6.37 5.67
CA LYS A 120 29.63 4.93 5.75
C LYS A 120 29.07 4.09 4.59
N GLY A 121 28.19 4.66 3.78
CA GLY A 121 27.56 3.89 2.69
C GLY A 121 26.26 3.24 3.12
N PHE A 122 25.49 2.76 2.14
CA PHE A 122 24.31 1.96 2.41
C PHE A 122 24.67 0.59 3.01
N ASP A 123 23.98 0.15 4.05
CA ASP A 123 24.08 -1.23 4.55
C ASP A 123 22.74 -1.69 5.17
N GLU A 124 22.73 -2.93 5.66
CA GLU A 124 21.53 -3.52 6.28
C GLU A 124 20.79 -2.63 7.31
N ARG A 125 21.48 -1.73 7.98
CA ARG A 125 20.83 -0.82 8.94
C ARG A 125 19.97 0.26 8.30
N HIS A 126 20.09 0.41 6.98
CA HIS A 126 19.29 1.39 6.21
C HIS A 126 18.12 0.72 5.46
N ALA A 127 17.89 -0.57 5.72
CA ALA A 127 16.79 -1.36 5.15
C ALA A 127 15.42 -0.99 5.73
N TYR A 128 14.37 -1.05 4.90
CA TYR A 128 12.97 -0.91 5.33
C TYR A 128 12.47 -2.32 5.62
N ILE A 129 12.59 -2.74 6.87
CA ILE A 129 12.26 -4.12 7.27
C ILE A 129 10.83 -4.45 6.88
N GLY A 130 9.91 -3.51 7.08
CA GLY A 130 8.50 -3.72 6.78
C GLY A 130 7.97 -3.31 5.41
N GLY A 131 8.85 -3.02 4.45
CA GLY A 131 8.41 -2.59 3.14
C GLY A 131 7.68 -3.68 2.38
N MET A 132 6.92 -3.27 1.37
CA MET A 132 6.00 -4.18 0.68
C MET A 132 6.68 -5.23 -0.20
N PHE A 133 7.97 -5.03 -0.49
CA PHE A 133 8.74 -5.98 -1.28
C PHE A 133 9.83 -6.62 -0.46
N GLY A 134 9.62 -6.65 0.85
CA GLY A 134 10.56 -7.27 1.79
C GLY A 134 11.64 -6.32 2.34
N ALA A 135 12.48 -6.86 3.22
CA ALA A 135 13.50 -6.09 3.90
C ALA A 135 14.63 -5.77 2.93
N GLY A 136 14.66 -4.54 2.46
CA GLY A 136 15.69 -4.11 1.53
C GLY A 136 15.75 -2.60 1.60
N ILE A 137 16.55 -2.03 0.72
CA ILE A 137 16.77 -0.59 0.70
C ILE A 137 15.96 -0.07 -0.48
N TYR A 138 15.08 0.87 -0.20
CA TYR A 138 14.07 1.31 -1.13
C TYR A 138 14.49 2.65 -1.76
N PHE A 139 14.14 2.81 -3.04
CA PHE A 139 14.39 4.02 -3.83
C PHE A 139 13.17 4.36 -4.67
N ALA A 140 13.02 5.64 -5.01
CA ALA A 140 11.85 6.10 -5.76
C ALA A 140 12.21 6.97 -6.97
N GLU A 141 11.44 6.87 -8.05
CA GLU A 141 11.53 7.84 -9.13
C GLU A 141 10.86 9.15 -8.74
N ASN A 142 9.78 9.12 -7.96
CA ASN A 142 9.17 10.34 -7.47
C ASN A 142 9.94 10.88 -6.25
N SER A 143 10.55 12.06 -6.39
CA SER A 143 11.20 12.71 -5.23
C SER A 143 10.23 12.85 -4.03
N SER A 144 8.96 13.13 -4.33
CA SER A 144 7.92 13.34 -3.30
C SER A 144 7.58 12.03 -2.53
N LYS A 145 7.81 10.88 -3.14
CA LYS A 145 7.70 9.63 -2.41
C LYS A 145 8.84 9.46 -1.38
N SER A 146 10.09 9.71 -1.78
CA SER A 146 11.23 9.71 -0.82
C SER A 146 11.07 10.79 0.27
N ASN A 147 10.49 11.93 -0.07
CA ASN A 147 10.23 12.97 0.93
C ASN A 147 9.39 12.48 2.13
N GLN A 148 8.50 11.50 1.89
CA GLN A 148 7.65 10.91 2.94
C GLN A 148 8.46 10.13 3.99
N TYR A 149 9.72 9.83 3.72
CA TYR A 149 10.57 9.05 4.65
C TYR A 149 11.69 9.81 5.34
N VAL A 150 11.85 11.08 5.00
CA VAL A 150 12.89 11.94 5.57
C VAL A 150 12.88 11.95 7.10
N TYR A 151 11.69 12.03 7.68
CA TYR A 151 11.50 12.03 9.15
C TYR A 151 11.06 10.69 9.71
N GLY A 152 11.19 9.65 8.89
CA GLY A 152 10.93 8.28 9.33
C GLY A 152 9.83 7.65 8.52
N ILE A 153 9.57 6.38 8.79
CA ILE A 153 8.48 5.65 8.16
C ILE A 153 7.17 6.38 8.40
N GLY A 154 6.39 6.56 7.34
CA GLY A 154 5.16 7.32 7.47
C GLY A 154 5.35 8.76 7.92
N GLY A 155 6.57 9.29 7.80
CA GLY A 155 6.88 10.65 8.25
C GLY A 155 7.21 10.78 9.75
N GLY A 156 7.25 9.67 10.47
CA GLY A 156 7.51 9.66 11.91
C GLY A 156 6.61 10.63 12.63
N THR A 157 7.20 11.48 13.45
CA THR A 157 6.47 12.59 14.11
C THR A 157 6.74 13.95 13.46
N GLY A 158 7.26 13.95 12.24
CA GLY A 158 7.62 15.20 11.55
C GLY A 158 8.93 15.78 12.05
N CYS A 159 9.13 17.06 11.77
CA CYS A 159 10.43 17.67 12.04
C CYS A 159 10.76 17.58 13.54
N PRO A 160 12.04 17.39 13.90
CA PRO A 160 12.41 17.39 15.33
C PRO A 160 12.00 18.66 16.10
N VAL A 161 12.02 19.81 15.44
CA VAL A 161 11.81 21.09 16.11
C VAL A 161 10.35 21.39 16.36
N HIS A 162 9.49 21.22 15.37
CA HIS A 162 8.08 21.54 15.53
C HIS A 162 7.15 20.32 15.56
N LYS A 163 7.66 19.11 15.42
CA LYS A 163 6.80 17.91 15.33
C LYS A 163 5.73 18.03 14.26
N ASP A 164 6.12 18.58 13.11
CA ASP A 164 5.20 18.83 12.01
C ASP A 164 5.67 18.07 10.73
N ARG A 165 4.93 17.06 10.29
CA ARG A 165 5.25 16.36 9.03
C ARG A 165 5.15 17.25 7.80
N SER A 166 4.42 18.36 7.93
CA SER A 166 4.30 19.32 6.85
C SER A 166 5.03 20.61 7.17
N CYS A 167 6.12 20.56 7.94
CA CYS A 167 6.82 21.78 8.27
C CYS A 167 7.35 22.48 7.00
N TYR A 168 7.03 23.76 6.86
CA TYR A 168 7.56 24.59 5.76
C TYR A 168 8.83 25.37 6.12
N ILE A 169 9.25 25.26 7.37
CA ILE A 169 10.39 26.00 7.87
C ILE A 169 11.69 25.18 7.90
N CYS A 170 11.60 24.00 8.47
CA CYS A 170 12.79 23.21 8.73
C CYS A 170 13.41 22.67 7.41
N HIS A 171 14.72 22.46 7.45
CA HIS A 171 15.51 22.01 6.30
C HIS A 171 15.46 20.51 6.22
N ARG A 172 15.17 20.00 5.04
CA ARG A 172 15.10 18.58 4.78
C ARG A 172 16.25 18.22 3.86
N GLN A 173 16.64 16.95 3.91
CA GLN A 173 17.61 16.42 2.96
C GLN A 173 17.13 15.11 2.30
N LEU A 174 17.38 14.97 0.99
CA LEU A 174 17.22 13.70 0.26
C LEU A 174 18.53 13.39 -0.42
N LEU A 175 18.74 12.10 -0.70
CA LEU A 175 19.82 11.66 -1.59
C LEU A 175 19.32 11.36 -2.99
N PHE A 176 20.09 11.81 -4.00
CA PHE A 176 19.85 11.40 -5.40
C PHE A 176 20.99 10.45 -5.75
N CYS A 177 20.66 9.18 -5.99
CA CYS A 177 21.63 8.10 -5.92
C CYS A 177 21.76 7.35 -7.21
N ARG A 178 22.93 6.79 -7.40
CA ARG A 178 23.20 5.92 -8.54
C ARG A 178 22.93 4.52 -8.06
N VAL A 179 21.99 3.84 -8.72
CA VAL A 179 21.55 2.52 -8.30
C VAL A 179 21.65 1.46 -9.41
N THR A 180 22.25 0.33 -9.08
CA THR A 180 22.39 -0.78 -10.04
C THR A 180 21.26 -1.74 -9.85
N LEU A 181 20.41 -1.87 -10.86
CA LEU A 181 19.27 -2.76 -10.73
C LEU A 181 19.48 -4.15 -11.30
N GLY A 182 20.42 -4.27 -12.24
CA GLY A 182 20.60 -5.55 -12.94
C GLY A 182 19.28 -6.09 -13.48
N LYS A 183 19.10 -7.39 -13.35
CA LYS A 183 17.86 -8.04 -13.69
C LYS A 183 16.85 -7.84 -12.57
N SER A 184 15.81 -7.07 -12.86
CA SER A 184 14.90 -6.63 -11.82
C SER A 184 13.61 -7.46 -11.85
N PHE A 185 13.17 -7.96 -10.72
CA PHE A 185 11.91 -8.67 -10.63
C PHE A 185 10.74 -7.69 -10.63
N LEU A 186 9.85 -7.84 -11.61
CA LEU A 186 8.70 -6.95 -11.79
C LEU A 186 7.54 -7.41 -10.92
N GLN A 187 7.19 -6.58 -9.95
CA GLN A 187 6.05 -6.79 -9.09
C GLN A 187 4.97 -5.79 -9.44
N PHE A 188 3.84 -6.26 -9.99
CA PHE A 188 2.73 -5.40 -10.23
C PHE A 188 2.09 -5.22 -8.85
N SER A 189 1.59 -4.03 -8.55
CA SER A 189 1.17 -3.77 -7.18
C SER A 189 0.36 -2.53 -7.08
N ALA A 190 -0.52 -2.49 -6.06
CA ALA A 190 -1.18 -1.24 -5.66
C ALA A 190 -0.19 -0.40 -4.84
N GLY B 30 -12.52 12.90 -2.48
CA GLY B 30 -12.09 13.39 -1.14
C GLY B 30 -11.68 12.25 -0.20
N THR B 31 -11.28 11.11 -0.76
CA THR B 31 -10.76 10.02 0.05
C THR B 31 -9.27 10.18 0.26
N ILE B 32 -8.85 10.04 1.51
CA ILE B 32 -7.44 9.86 1.81
C ILE B 32 -7.21 8.53 2.54
N LEU B 33 -6.06 7.92 2.27
CA LEU B 33 -5.67 6.67 2.91
C LEU B 33 -4.51 6.91 3.87
N ILE B 34 -4.64 6.46 5.10
CA ILE B 34 -3.63 6.67 6.12
C ILE B 34 -3.09 5.31 6.46
N ASP B 35 -1.78 5.12 6.27
CA ASP B 35 -1.14 3.84 6.64
C ASP B 35 -1.12 3.62 8.12
N LEU B 36 -1.37 2.38 8.53
CA LEU B 36 -1.24 2.04 9.93
C LEU B 36 0.09 1.35 10.11
N SER B 37 0.77 1.62 11.23
CA SER B 37 2.04 0.96 11.52
C SER B 37 1.77 -0.44 12.01
N PRO B 38 2.60 -1.43 11.59
CA PRO B 38 2.53 -2.77 12.16
C PRO B 38 2.62 -2.80 13.67
N ASP B 39 3.26 -1.78 14.25
CA ASP B 39 3.46 -1.70 15.71
C ASP B 39 2.25 -1.19 16.43
N ASP B 40 1.24 -0.75 15.68
CA ASP B 40 0.02 -0.20 16.23
C ASP B 40 -0.93 -1.36 16.58
N LYS B 41 -1.61 -1.25 17.72
CA LYS B 41 -2.63 -2.20 18.12
C LYS B 41 -3.80 -2.26 17.14
N GLU B 42 -4.12 -1.15 16.51
CA GLU B 42 -5.14 -1.16 15.46
C GLU B 42 -4.81 -2.07 14.25
N PHE B 43 -3.61 -1.94 13.71
CA PHE B 43 -3.10 -2.82 12.64
C PHE B 43 -3.20 -4.27 13.09
N GLN B 44 -2.72 -4.54 14.30
CA GLN B 44 -2.60 -5.89 14.81
C GLN B 44 -3.95 -6.57 14.96
N SER B 45 -4.94 -5.78 15.38
CA SER B 45 -6.28 -6.25 15.53
C SER B 45 -6.92 -6.62 14.19
N VAL B 46 -6.69 -5.78 13.19
CA VAL B 46 -7.23 -6.04 11.86
C VAL B 46 -6.55 -7.28 11.25
N GLU B 47 -5.23 -7.39 11.43
CA GLU B 47 -4.51 -8.57 10.96
C GLU B 47 -5.04 -9.86 11.62
N GLU B 48 -5.24 -9.80 12.93
CA GLU B 48 -5.74 -10.97 13.66
C GLU B 48 -7.13 -11.38 13.17
N GLU B 49 -7.99 -10.40 12.88
CA GLU B 49 -9.27 -10.69 12.30
C GLU B 49 -9.18 -11.38 10.91
N MET B 50 -8.29 -10.88 10.06
CA MET B 50 -7.96 -11.55 8.78
C MET B 50 -7.50 -12.99 8.98
N GLN B 51 -6.45 -13.17 9.77
CA GLN B 51 -5.77 -14.45 9.90
C GLN B 51 -6.66 -15.45 10.59
N SER B 52 -7.36 -15.02 11.63
CA SER B 52 -8.15 -15.92 12.44
C SER B 52 -9.43 -16.38 11.75
N THR B 53 -9.89 -15.71 10.70
CA THR B 53 -11.07 -16.15 9.98
C THR B 53 -10.87 -16.81 8.62
N VAL B 54 -9.65 -17.26 8.36
CA VAL B 54 -9.39 -18.13 7.23
C VAL B 54 -10.03 -19.50 7.52
N ARG B 55 -10.74 -20.05 6.55
CA ARG B 55 -11.20 -21.43 6.68
C ARG B 55 -10.94 -22.20 5.39
N GLU B 56 -11.14 -23.52 5.43
CA GLU B 56 -11.12 -24.33 4.19
C GLU B 56 -12.43 -24.14 3.42
N HIS B 57 -12.34 -24.17 2.10
CA HIS B 57 -13.47 -23.97 1.24
C HIS B 57 -13.76 -25.28 0.47
N ARG B 58 -15.04 -25.54 0.21
CA ARG B 58 -15.54 -26.79 -0.38
C ARG B 58 -15.12 -26.95 -1.84
N ASP B 59 -14.66 -25.86 -2.46
CA ASP B 59 -14.08 -25.94 -3.82
C ASP B 59 -12.63 -26.32 -3.88
N GLY B 60 -12.07 -26.72 -2.75
CA GLY B 60 -10.65 -27.10 -2.71
C GLY B 60 -9.64 -25.97 -2.99
N GLY B 61 -10.06 -24.70 -2.93
CA GLY B 61 -9.17 -23.58 -3.40
C GLY B 61 -9.41 -23.04 -4.81
N HIS B 62 -10.31 -23.65 -5.57
CA HIS B 62 -10.54 -23.25 -6.97
C HIS B 62 -10.67 -21.74 -7.17
N ALA B 63 -11.54 -21.11 -6.38
CA ALA B 63 -11.87 -19.71 -6.60
C ALA B 63 -10.86 -18.77 -5.96
N GLY B 64 -10.50 -19.02 -4.69
CA GLY B 64 -9.61 -18.13 -3.95
C GLY B 64 -8.15 -18.51 -3.78
N GLY B 65 -7.83 -19.74 -4.16
CA GLY B 65 -6.50 -20.27 -3.96
C GLY B 65 -6.35 -21.20 -2.76
N ILE B 66 -5.19 -21.87 -2.70
CA ILE B 66 -4.88 -22.79 -1.60
C ILE B 66 -3.93 -22.09 -0.62
N PHE B 67 -4.39 -21.94 0.62
CA PHE B 67 -3.67 -21.24 1.67
C PHE B 67 -4.34 -21.43 3.05
N ASN B 68 -3.55 -21.30 4.09
CA ASN B 68 -4.00 -21.31 5.48
C ASN B 68 -3.88 -19.96 6.17
N ARG B 69 -3.11 -19.05 5.58
CA ARG B 69 -2.81 -17.75 6.16
C ARG B 69 -2.34 -16.79 5.09
N TYR B 70 -2.30 -15.51 5.47
CA TYR B 70 -1.89 -14.44 4.58
C TYR B 70 -0.58 -13.84 5.00
N ASN B 71 0.07 -13.24 4.02
CA ASN B 71 1.13 -12.29 4.29
C ASN B 71 0.51 -10.88 4.19
N ILE B 72 0.32 -10.20 5.32
CA ILE B 72 -0.27 -8.86 5.30
C ILE B 72 0.82 -7.84 4.97
N LEU B 73 0.63 -7.12 3.88
CA LEU B 73 1.62 -6.17 3.39
C LEU B 73 1.37 -4.74 3.85
N LYS B 74 0.11 -4.37 4.01
CA LYS B 74 -0.26 -3.03 4.37
C LYS B 74 -1.72 -2.98 4.82
N ILE B 75 -1.99 -2.09 5.77
CA ILE B 75 -3.34 -1.81 6.22
C ILE B 75 -3.54 -0.30 6.26
N GLN B 76 -4.50 0.18 5.49
CA GLN B 76 -4.82 1.61 5.45
C GLN B 76 -6.22 1.92 5.94
N LYS B 77 -6.27 2.99 6.70
CA LYS B 77 -7.49 3.62 7.14
C LYS B 77 -8.01 4.46 5.98
N VAL B 78 -9.28 4.28 5.63
CA VAL B 78 -9.94 5.01 4.53
C VAL B 78 -10.78 6.14 5.13
N CYS B 79 -10.49 7.38 4.74
CA CYS B 79 -11.10 8.56 5.35
C CYS B 79 -11.76 9.40 4.27
N ASN B 80 -13.06 9.55 4.37
CA ASN B 80 -13.83 10.33 3.42
C ASN B 80 -15.02 10.88 4.18
N LYS B 81 -15.01 12.20 4.38
CA LYS B 81 -15.96 12.86 5.27
C LYS B 81 -17.37 12.74 4.72
N LYS B 82 -17.49 12.95 3.43
CA LYS B 82 -18.77 12.83 2.77
C LYS B 82 -19.35 11.39 2.85
N LEU B 83 -18.54 10.37 2.59
CA LEU B 83 -19.04 8.99 2.60
C LEU B 83 -19.41 8.58 4.03
N TRP B 84 -18.66 9.09 4.99
CA TRP B 84 -18.90 8.81 6.38
C TRP B 84 -20.24 9.41 6.83
N GLU B 85 -20.52 10.63 6.38
CA GLU B 85 -21.74 11.30 6.77
C GLU B 85 -22.94 10.61 6.12
N ARG B 86 -22.78 10.19 4.87
CA ARG B 86 -23.76 9.36 4.18
C ARG B 86 -24.06 8.08 4.99
N TYR B 87 -23.01 7.40 5.44
CA TYR B 87 -23.14 6.19 6.26
C TYR B 87 -23.82 6.45 7.59
N THR B 88 -23.39 7.46 8.35
CA THR B 88 -23.92 7.72 9.70
C THR B 88 -25.35 8.18 9.73
N HIS B 89 -25.75 8.83 8.63
CA HIS B 89 -27.11 9.27 8.44
C HIS B 89 -28.03 8.09 8.19
N ARG B 90 -27.60 7.16 7.35
CA ARG B 90 -28.39 5.96 7.12
C ARG B 90 -28.41 5.13 8.39
N ARG B 91 -27.31 5.10 9.12
CA ARG B 91 -27.23 4.29 10.35
C ARG B 91 -28.24 4.78 11.40
N LYS B 92 -28.38 6.10 11.48
CA LYS B 92 -29.36 6.71 12.37
C LYS B 92 -30.80 6.34 12.02
N GLU B 93 -31.17 6.38 10.72
CA GLU B 93 -32.51 5.97 10.25
C GLU B 93 -32.76 4.50 10.56
N VAL B 94 -31.78 3.66 10.24
CA VAL B 94 -31.94 2.23 10.52
C VAL B 94 -32.11 1.97 12.02
N SER B 95 -31.25 2.61 12.80
CA SER B 95 -31.27 2.48 14.22
C SER B 95 -32.60 2.84 14.85
N GLU B 96 -33.15 3.98 14.46
CA GLU B 96 -34.45 4.43 14.98
C GLU B 96 -35.57 3.50 14.52
N GLU B 97 -35.49 3.03 13.28
CA GLU B 97 -36.44 2.04 12.80
C GLU B 97 -36.36 0.71 13.54
N ASN B 98 -35.18 0.34 14.01
CA ASN B 98 -34.98 -0.92 14.71
C ASN B 98 -34.85 -0.67 16.21
N HIS B 99 -35.62 0.31 16.70
CA HIS B 99 -35.81 0.57 18.15
C HIS B 99 -34.51 0.81 18.88
N ASN B 100 -33.73 1.71 18.27
CA ASN B 100 -32.43 2.15 18.78
C ASN B 100 -31.32 1.08 18.81
N HIS B 101 -31.19 0.34 17.72
CA HIS B 101 -30.18 -0.70 17.61
C HIS B 101 -29.73 -0.78 16.15
N ALA B 102 -28.59 -0.21 15.85
CA ALA B 102 -28.03 -0.25 14.50
C ALA B 102 -27.59 -1.66 14.10
N ASN B 103 -27.23 -2.49 15.09
CA ASN B 103 -26.75 -3.86 14.81
C ASN B 103 -25.58 -3.75 13.82
N GLU B 104 -24.58 -2.97 14.24
CA GLU B 104 -23.44 -2.67 13.41
C GLU B 104 -22.29 -3.66 13.62
N ARG B 105 -21.74 -4.15 12.51
CA ARG B 105 -20.66 -5.15 12.49
C ARG B 105 -19.45 -4.63 11.73
N MET B 106 -18.32 -5.30 11.93
CA MET B 106 -17.18 -5.18 11.02
C MET B 106 -17.14 -6.47 10.24
N LEU B 107 -17.16 -6.35 8.90
CA LEU B 107 -17.24 -7.48 7.99
C LEU B 107 -16.33 -7.28 6.77
N PHE B 108 -15.85 -8.38 6.19
CA PHE B 108 -14.97 -8.32 5.03
C PHE B 108 -15.74 -8.15 3.73
N HIS B 109 -15.09 -7.55 2.73
CA HIS B 109 -15.68 -7.46 1.37
C HIS B 109 -14.56 -7.52 0.33
N GLY B 110 -14.65 -8.51 -0.56
CA GLY B 110 -13.72 -8.70 -1.67
C GLY B 110 -14.44 -8.35 -2.96
N SER B 111 -13.78 -7.64 -3.84
CA SER B 111 -14.39 -7.27 -5.11
C SER B 111 -13.36 -6.73 -6.11
N PRO B 112 -13.60 -6.94 -7.40
CA PRO B 112 -12.75 -6.26 -8.38
C PRO B 112 -12.88 -4.73 -8.36
N PHE B 113 -13.90 -4.20 -7.70
CA PHE B 113 -14.15 -2.75 -7.74
C PHE B 113 -13.68 -2.00 -6.50
N VAL B 114 -12.79 -2.62 -5.73
CA VAL B 114 -12.32 -2.01 -4.49
C VAL B 114 -11.83 -0.57 -4.66
N ASN B 115 -11.17 -0.26 -5.78
CA ASN B 115 -10.65 1.10 -6.01
CA ASN B 115 -10.64 1.08 -5.93
C ASN B 115 -11.76 2.09 -6.22
N ALA B 116 -12.81 1.66 -6.91
CA ALA B 116 -14.00 2.49 -7.03
C ALA B 116 -14.70 2.68 -5.70
N ILE B 117 -14.82 1.60 -4.92
CA ILE B 117 -15.54 1.65 -3.67
C ILE B 117 -14.91 2.65 -2.70
N ILE B 118 -13.61 2.63 -2.54
CA ILE B 118 -13.00 3.56 -1.57
C ILE B 118 -13.15 5.06 -1.94
N HIS B 119 -13.39 5.35 -3.23
CA HIS B 119 -13.49 6.74 -3.73
C HIS B 119 -14.92 7.20 -3.82
N LYS B 120 -15.81 6.32 -4.30
CA LYS B 120 -17.17 6.69 -4.56
C LYS B 120 -18.19 6.08 -3.58
N GLY B 121 -17.76 5.11 -2.77
CA GLY B 121 -18.67 4.48 -1.82
C GLY B 121 -19.31 3.25 -2.42
N PHE B 122 -20.05 2.51 -1.61
CA PHE B 122 -20.85 1.38 -2.13
C PHE B 122 -22.11 1.89 -2.81
N ASP B 123 -22.49 1.24 -3.91
CA ASP B 123 -23.80 1.47 -4.55
C ASP B 123 -24.18 0.27 -5.42
N GLU B 124 -25.35 0.37 -6.06
CA GLU B 124 -25.90 -0.72 -6.89
C GLU B 124 -24.89 -1.39 -7.84
N ARG B 125 -23.86 -0.65 -8.30
CA ARG B 125 -22.85 -1.25 -9.22
C ARG B 125 -21.95 -2.26 -8.50
N HIS B 126 -22.01 -2.30 -7.16
CA HIS B 126 -21.17 -3.25 -6.39
C HIS B 126 -21.94 -4.49 -5.87
N ALA B 127 -23.15 -4.66 -6.41
CA ALA B 127 -24.07 -5.71 -6.02
C ALA B 127 -23.69 -7.02 -6.71
N TYR B 128 -24.00 -8.11 -6.02
CA TYR B 128 -23.82 -9.43 -6.61
C TYR B 128 -25.22 -9.83 -7.03
N ILE B 129 -25.52 -9.61 -8.31
CA ILE B 129 -26.89 -9.75 -8.81
C ILE B 129 -27.39 -11.19 -8.66
N GLY B 130 -26.51 -12.17 -8.85
CA GLY B 130 -26.90 -13.57 -8.76
C GLY B 130 -26.55 -14.23 -7.44
N GLY B 131 -26.36 -13.44 -6.39
CA GLY B 131 -26.17 -14.00 -5.07
C GLY B 131 -27.38 -14.78 -4.57
N MET B 132 -27.07 -15.79 -3.77
CA MET B 132 -28.07 -16.69 -3.19
C MET B 132 -29.10 -16.05 -2.26
N PHE B 133 -28.86 -14.83 -1.81
CA PHE B 133 -29.86 -14.13 -1.00
C PHE B 133 -30.37 -12.89 -1.67
N GLY B 134 -30.32 -12.88 -2.99
CA GLY B 134 -30.87 -11.77 -3.78
C GLY B 134 -29.80 -10.80 -4.20
N ALA B 135 -30.18 -9.84 -5.05
CA ALA B 135 -29.26 -8.89 -5.62
C ALA B 135 -28.96 -7.79 -4.61
N GLY B 136 -27.85 -7.94 -3.90
CA GLY B 136 -27.47 -6.95 -2.86
C GLY B 136 -25.96 -6.94 -2.76
N ILE B 137 -25.44 -6.16 -1.82
CA ILE B 137 -24.02 -6.10 -1.56
C ILE B 137 -23.69 -7.08 -0.44
N TYR B 138 -22.72 -7.96 -0.68
CA TYR B 138 -22.41 -9.11 0.16
C TYR B 138 -21.16 -8.89 1.00
N PHE B 139 -21.21 -9.35 2.25
CA PHE B 139 -20.13 -9.24 3.19
C PHE B 139 -19.93 -10.59 3.87
N ALA B 140 -18.70 -10.84 4.33
CA ALA B 140 -18.35 -12.10 4.96
C ALA B 140 -17.67 -11.97 6.33
N GLU B 141 -18.02 -12.89 7.22
CA GLU B 141 -17.28 -13.01 8.49
C GLU B 141 -15.95 -13.74 8.25
N ASN B 142 -15.91 -14.66 7.28
CA ASN B 142 -14.69 -15.33 6.91
C ASN B 142 -13.94 -14.48 5.90
N SER B 143 -12.76 -14.02 6.26
CA SER B 143 -11.90 -13.29 5.30
C SER B 143 -11.63 -14.11 4.01
N SER B 144 -11.47 -15.43 4.16
CA SER B 144 -11.16 -16.33 3.03
C SER B 144 -12.36 -16.45 2.10
N LYS B 145 -13.60 -16.20 2.58
CA LYS B 145 -14.78 -16.13 1.72
C LYS B 145 -14.71 -14.88 0.81
N SER B 146 -14.36 -13.73 1.41
CA SER B 146 -14.23 -12.49 0.61
C SER B 146 -13.07 -12.60 -0.37
N ASN B 147 -11.97 -13.27 0.04
CA ASN B 147 -10.83 -13.54 -0.86
C ASN B 147 -11.24 -14.25 -2.16
N GLN B 148 -12.25 -15.10 -2.11
CA GLN B 148 -12.78 -15.75 -3.32
C GLN B 148 -13.35 -14.79 -4.42
N TYR B 149 -13.61 -13.51 -4.08
CA TYR B 149 -14.22 -12.55 -5.00
C TYR B 149 -13.28 -11.39 -5.42
N VAL B 150 -12.07 -11.36 -4.88
CA VAL B 150 -11.05 -10.34 -5.18
C VAL B 150 -10.83 -10.20 -6.70
N TYR B 151 -10.78 -11.33 -7.38
CA TYR B 151 -10.60 -11.32 -8.82
C TYR B 151 -11.91 -11.52 -9.58
N GLY B 152 -13.05 -11.33 -8.92
CA GLY B 152 -14.35 -11.47 -9.57
C GLY B 152 -15.10 -12.69 -9.06
N ILE B 153 -16.31 -12.89 -9.56
CA ILE B 153 -17.16 -14.00 -9.15
C ILE B 153 -16.49 -15.34 -9.48
N GLY B 154 -16.42 -16.24 -8.52
CA GLY B 154 -15.73 -17.52 -8.75
C GLY B 154 -14.23 -17.38 -8.86
N GLY B 155 -13.69 -16.22 -8.47
CA GLY B 155 -12.29 -15.90 -8.64
C GLY B 155 -11.91 -15.45 -10.06
N GLY B 156 -12.92 -15.29 -10.93
CA GLY B 156 -12.70 -14.91 -12.31
C GLY B 156 -11.68 -15.79 -12.97
N THR B 157 -10.75 -15.16 -13.69
CA THR B 157 -9.61 -15.88 -14.29
C THR B 157 -8.34 -15.70 -13.45
N GLY B 158 -8.48 -15.33 -12.16
CA GLY B 158 -7.29 -15.14 -11.31
C GLY B 158 -6.56 -13.81 -11.54
N CYS B 159 -5.32 -13.75 -11.10
CA CYS B 159 -4.55 -12.50 -11.19
C CYS B 159 -4.33 -12.06 -12.64
N PRO B 160 -4.26 -10.76 -12.86
CA PRO B 160 -4.10 -10.29 -14.23
C PRO B 160 -2.80 -10.80 -14.85
N VAL B 161 -1.71 -10.83 -14.07
CA VAL B 161 -0.39 -11.13 -14.61
C VAL B 161 -0.23 -12.60 -14.93
N HIS B 162 -0.72 -13.49 -14.09
CA HIS B 162 -0.44 -14.92 -14.27
C HIS B 162 -1.69 -15.74 -14.62
N LYS B 163 -2.85 -15.11 -14.60
CA LYS B 163 -4.14 -15.81 -14.70
C LYS B 163 -4.20 -16.97 -13.74
N ASP B 164 -3.81 -16.74 -12.48
CA ASP B 164 -3.74 -17.81 -11.51
C ASP B 164 -4.57 -17.44 -10.28
N ARG B 165 -5.67 -18.16 -10.06
CA ARG B 165 -6.55 -17.87 -8.92
C ARG B 165 -5.85 -18.15 -7.57
N SER B 166 -4.80 -18.98 -7.60
CA SER B 166 -3.99 -19.25 -6.43
C SER B 166 -2.62 -18.54 -6.47
N CYS B 167 -2.50 -17.42 -7.20
CA CYS B 167 -1.18 -16.77 -7.34
C CYS B 167 -0.65 -16.36 -5.97
N TYR B 168 0.56 -16.79 -5.64
CA TYR B 168 1.25 -16.41 -4.38
C TYR B 168 2.15 -15.18 -4.52
N ILE B 169 2.23 -14.63 -5.74
CA ILE B 169 3.09 -13.48 -6.04
C ILE B 169 2.33 -12.16 -6.02
N CYS B 170 1.20 -12.12 -6.71
CA CYS B 170 0.52 -10.87 -6.94
C CYS B 170 -0.21 -10.40 -5.68
N HIS B 171 -0.19 -9.08 -5.49
CA HIS B 171 -0.80 -8.40 -4.35
C HIS B 171 -2.29 -8.33 -4.51
N ARG B 172 -3.04 -8.70 -3.45
CA ARG B 172 -4.47 -8.60 -3.41
C ARG B 172 -4.91 -7.51 -2.42
N GLN B 173 -6.13 -7.01 -2.60
CA GLN B 173 -6.74 -6.13 -1.62
C GLN B 173 -8.14 -6.58 -1.22
N LEU B 174 -8.45 -6.44 0.07
CA LEU B 174 -9.75 -6.68 0.64
C LEU B 174 -10.14 -5.42 1.42
N LEU B 175 -11.43 -5.21 1.67
CA LEU B 175 -11.89 -4.17 2.58
C LEU B 175 -12.38 -4.81 3.85
N PHE B 176 -12.20 -4.15 4.97
CA PHE B 176 -12.81 -4.54 6.23
C PHE B 176 -13.72 -3.35 6.58
N CYS B 177 -15.02 -3.60 6.58
CA CYS B 177 -16.04 -2.57 6.49
C CYS B 177 -16.94 -2.49 7.72
N ARG B 178 -17.35 -1.29 8.06
CA ARG B 178 -18.38 -1.07 9.05
C ARG B 178 -19.75 -1.24 8.35
N VAL B 179 -20.58 -2.18 8.81
CA VAL B 179 -21.82 -2.52 8.15
C VAL B 179 -23.01 -2.46 9.09
N THR B 180 -24.03 -1.68 8.71
CA THR B 180 -25.26 -1.53 9.51
C THR B 180 -26.32 -2.58 9.08
N LEU B 181 -26.64 -3.49 9.98
CA LEU B 181 -27.55 -4.62 9.64
C LEU B 181 -28.99 -4.40 9.99
N GLY B 182 -29.22 -3.55 10.97
CA GLY B 182 -30.54 -3.31 11.53
C GLY B 182 -31.19 -4.63 11.90
N LYS B 183 -32.48 -4.70 11.64
CA LYS B 183 -33.26 -5.95 11.77
C LYS B 183 -32.88 -6.83 10.60
N SER B 184 -32.19 -7.93 10.87
CA SER B 184 -31.69 -8.78 9.81
C SER B 184 -32.54 -10.06 9.73
N PHE B 185 -32.90 -10.41 8.51
CA PHE B 185 -33.66 -11.61 8.26
C PHE B 185 -32.72 -12.80 8.24
N LEU B 186 -32.97 -13.76 9.11
CA LEU B 186 -32.15 -14.96 9.16
C LEU B 186 -32.57 -16.00 8.12
N GLN B 187 -31.64 -16.32 7.23
CA GLN B 187 -31.87 -17.31 6.22
C GLN B 187 -30.81 -18.39 6.42
N PHE B 188 -31.21 -19.62 6.74
CA PHE B 188 -30.25 -20.70 6.80
C PHE B 188 -30.04 -21.13 5.35
N SER B 189 -28.82 -21.50 5.03
CA SER B 189 -28.47 -21.90 3.68
C SER B 189 -27.83 -23.25 3.77
N ALA B 190 -27.90 -24.00 2.68
CA ALA B 190 -27.45 -25.38 2.66
C ALA B 190 -25.92 -25.54 2.55
N MET B 191 -25.19 -24.43 2.45
CA MET B 191 -23.74 -24.48 2.31
C MET B 191 -23.03 -25.02 3.57
N MET C 1 18.79 -8.24 6.18
CA MET C 1 18.23 -7.95 4.86
C MET C 1 17.76 -9.25 4.21
N ALA C 2 16.68 -9.21 3.44
CA ALA C 2 16.23 -10.36 2.65
C ALA C 2 17.18 -10.58 1.48
N HIS C 3 16.91 -11.59 0.67
CA HIS C 3 17.65 -11.81 -0.57
C HIS C 3 16.78 -11.39 -1.75
N SER C 4 17.45 -11.05 -2.86
CA SER C 4 16.76 -10.81 -4.12
C SER C 4 16.03 -12.09 -4.52
N PRO C 5 14.94 -11.96 -5.25
CA PRO C 5 14.33 -13.15 -5.81
C PRO C 5 15.38 -13.93 -6.62
N PRO C 6 15.40 -15.27 -6.50
CA PRO C 6 16.44 -16.02 -7.23
C PRO C 6 16.56 -15.63 -8.72
N GLY C 7 17.78 -15.48 -9.19
CA GLY C 7 18.06 -15.12 -10.58
C GLY C 7 17.78 -13.64 -10.89
N HIS C 8 17.68 -12.79 -9.86
CA HIS C 8 17.39 -11.35 -10.03
C HIS C 8 18.30 -10.52 -9.10
N HIS C 9 18.49 -9.23 -9.40
CA HIS C 9 19.37 -8.35 -8.57
C HIS C 9 18.67 -7.25 -7.82
N SER C 10 17.36 -7.10 -8.05
CA SER C 10 16.53 -6.06 -7.46
C SER C 10 15.07 -6.43 -7.69
N VAL C 11 14.17 -5.67 -7.09
CA VAL C 11 12.74 -5.73 -7.34
C VAL C 11 12.27 -4.35 -7.83
N THR C 12 11.39 -4.36 -8.81
CA THR C 12 10.71 -3.17 -9.31
C THR C 12 9.28 -3.26 -8.87
N GLY C 13 8.85 -2.27 -8.09
CA GLY C 13 7.48 -2.09 -7.75
C GLY C 13 6.76 -1.21 -8.75
N ARG C 14 6.04 -1.85 -9.68
CA ARG C 14 5.29 -1.14 -10.69
C ARG C 14 3.93 -0.66 -10.15
N PRO C 15 3.66 0.63 -10.25
CA PRO C 15 2.31 1.08 -9.86
C PRO C 15 1.22 0.46 -10.76
N SER C 16 0.17 -0.10 -10.15
CA SER C 16 -0.94 -0.77 -10.88
C SER C 16 -2.37 -0.21 -10.58
N VAL C 17 -2.45 0.92 -9.90
CA VAL C 17 -3.74 1.51 -9.48
C VAL C 17 -3.66 3.01 -9.75
N ASN C 18 -2.77 3.68 -9.01
CA ASN C 18 -2.56 5.12 -9.14
C ASN C 18 -1.79 5.33 -10.45
N GLY C 19 -2.57 5.71 -11.46
CA GLY C 19 -2.04 6.02 -12.77
C GLY C 19 -0.98 7.09 -12.82
N LEU C 20 -0.86 7.96 -11.81
CA LEU C 20 0.18 8.99 -11.88
C LEU C 20 1.49 8.63 -11.14
N ALA C 21 1.49 7.58 -10.33
CA ALA C 21 2.68 7.17 -9.57
C ALA C 21 3.76 6.61 -10.46
N LEU C 22 5.01 6.99 -10.20
CA LEU C 22 6.14 6.36 -10.83
C LEU C 22 6.60 5.12 -10.01
N ALA C 23 7.52 4.36 -10.57
CA ALA C 23 8.06 3.16 -9.98
C ALA C 23 8.92 3.41 -8.72
N GLU C 24 8.98 2.38 -7.89
CA GLU C 24 9.84 2.28 -6.71
C GLU C 24 10.67 1.02 -6.87
N TYR C 25 11.85 0.99 -6.27
CA TYR C 25 12.81 -0.10 -6.53
C TYR C 25 13.42 -0.52 -5.22
N VAL C 26 13.76 -1.79 -5.14
CA VAL C 26 14.40 -2.35 -3.95
C VAL C 26 15.63 -3.11 -4.32
N ILE C 27 16.69 -2.87 -3.56
CA ILE C 27 17.91 -3.65 -3.67
C ILE C 27 18.20 -4.26 -2.30
N TYR C 28 18.93 -5.36 -2.32
CA TYR C 28 19.17 -6.16 -1.12
C TYR C 28 20.67 -6.22 -0.78
N ARG C 29 21.48 -5.45 -1.49
CA ARG C 29 22.92 -5.35 -1.22
C ARG C 29 23.24 -3.87 -1.21
N GLY C 30 23.83 -3.37 -0.12
CA GLY C 30 24.17 -1.95 0.01
C GLY C 30 25.15 -1.43 -1.02
N GLU C 31 25.99 -2.32 -1.53
CA GLU C 31 26.98 -2.01 -2.53
C GLU C 31 26.40 -1.69 -3.89
N GLN C 32 25.09 -1.89 -4.07
CA GLN C 32 24.39 -1.58 -5.34
C GLN C 32 23.87 -0.16 -5.45
N ALA C 33 24.22 0.70 -4.50
CA ALA C 33 23.89 2.11 -4.59
C ALA C 33 25.04 2.99 -4.10
N TYR C 34 25.16 4.14 -4.71
CA TYR C 34 26.11 5.16 -4.30
C TYR C 34 25.33 6.47 -4.13
N PRO C 35 25.48 7.10 -2.97
CA PRO C 35 24.71 8.32 -2.70
C PRO C 35 25.40 9.53 -3.32
N GLU C 36 25.04 9.86 -4.56
CA GLU C 36 25.86 10.79 -5.35
C GLU C 36 25.60 12.26 -5.05
N TYR C 37 24.35 12.62 -4.80
CA TYR C 37 24.03 13.99 -4.43
C TYR C 37 23.24 14.09 -3.13
N LEU C 38 23.63 15.05 -2.30
CA LEU C 38 22.90 15.43 -1.10
C LEU C 38 22.16 16.74 -1.41
N ILE C 39 20.84 16.70 -1.34
CA ILE C 39 19.99 17.84 -1.66
C ILE C 39 19.32 18.31 -0.38
N THR C 40 19.53 19.59 -0.06
CA THR C 40 18.97 20.24 1.10
C THR C 40 17.85 21.17 0.61
N TYR C 41 16.65 21.04 1.16
CA TYR C 41 15.50 21.76 0.63
C TYR C 41 14.45 22.03 1.68
N GLN C 42 13.47 22.86 1.33
CA GLN C 42 12.20 22.94 2.04
C GLN C 42 11.04 22.60 1.09
N ILE C 43 9.98 22.02 1.62
CA ILE C 43 8.74 21.91 0.85
C ILE C 43 8.08 23.28 0.90
N MET C 44 7.37 23.65 -0.16
CA MET C 44 6.75 24.98 -0.25
C MET C 44 5.25 24.92 -0.06
N ARG C 45 4.72 25.79 0.79
CA ARG C 45 3.26 25.92 0.97
C ARG C 45 2.63 26.39 -0.34
N PRO C 46 1.62 25.67 -0.86
CA PRO C 46 0.96 26.12 -2.08
C PRO C 46 0.23 27.45 -1.84
N GLU C 47 0.12 28.26 -2.88
CA GLU C 47 -0.55 29.57 -2.77
C GLU C 47 -2.05 29.38 -2.82
N MET D 1 -30.84 -3.63 -8.18
CA MET D 1 -30.60 -4.07 -6.77
C MET D 1 -31.91 -4.30 -5.98
N ALA D 2 -32.06 -5.49 -5.41
CA ALA D 2 -33.28 -5.93 -4.72
C ALA D 2 -33.62 -5.09 -3.49
N HIS D 3 -34.79 -5.33 -2.91
CA HIS D 3 -35.21 -4.67 -1.68
C HIS D 3 -35.05 -5.66 -0.55
N SER D 4 -34.85 -5.14 0.65
CA SER D 4 -34.73 -5.99 1.83
C SER D 4 -36.08 -6.65 2.05
N PRO D 5 -36.10 -7.76 2.79
CA PRO D 5 -37.38 -8.35 3.20
C PRO D 5 -38.22 -7.32 3.95
N PRO D 6 -39.57 -7.35 3.78
CA PRO D 6 -40.44 -6.42 4.50
C PRO D 6 -40.12 -6.31 6.01
N GLY D 7 -39.90 -5.09 6.47
CA GLY D 7 -39.57 -4.84 7.85
C GLY D 7 -38.19 -5.32 8.25
N HIS D 8 -37.28 -5.53 7.29
CA HIS D 8 -35.91 -5.94 7.60
C HIS D 8 -34.94 -5.00 6.87
N HIS D 9 -33.73 -4.81 7.40
CA HIS D 9 -32.71 -3.93 6.78
C HIS D 9 -31.56 -4.70 6.12
N SER D 10 -31.61 -6.03 6.24
CA SER D 10 -30.55 -6.86 5.75
C SER D 10 -30.97 -8.31 5.83
N VAL D 11 -30.14 -9.16 5.25
CA VAL D 11 -30.25 -10.63 5.35
C VAL D 11 -28.98 -11.21 5.92
N THR D 12 -29.14 -12.14 6.86
CA THR D 12 -28.05 -13.00 7.36
C THR D 12 -28.16 -14.39 6.70
N GLY D 13 -27.14 -14.77 5.94
CA GLY D 13 -27.03 -16.09 5.34
C GLY D 13 -26.11 -16.93 6.20
N ARG D 14 -26.67 -17.92 6.88
CA ARG D 14 -25.95 -18.68 7.89
C ARG D 14 -25.81 -20.12 7.43
N PRO D 15 -24.58 -20.57 7.16
CA PRO D 15 -24.45 -21.94 6.69
C PRO D 15 -24.94 -22.98 7.72
N SER D 16 -25.80 -23.90 7.30
CA SER D 16 -26.35 -24.93 8.18
C SER D 16 -25.64 -26.31 8.04
N VAL D 17 -24.85 -26.52 6.98
CA VAL D 17 -24.16 -27.82 6.80
C VAL D 17 -22.70 -27.82 7.26
N ASN D 18 -21.90 -26.91 6.74
CA ASN D 18 -20.54 -26.74 7.20
C ASN D 18 -20.51 -25.93 8.51
N GLY D 19 -20.28 -26.62 9.61
CA GLY D 19 -20.39 -25.96 10.92
C GLY D 19 -19.21 -25.06 11.23
N LEU D 20 -18.19 -25.04 10.38
CA LEU D 20 -17.07 -24.11 10.57
C LEU D 20 -17.16 -22.91 9.67
N ALA D 21 -18.15 -22.88 8.78
CA ALA D 21 -18.32 -21.74 7.91
C ALA D 21 -19.07 -20.67 8.67
N LEU D 22 -18.55 -19.44 8.61
CA LEU D 22 -19.20 -18.32 9.28
C LEU D 22 -20.30 -17.69 8.38
N ALA D 23 -21.06 -16.73 8.90
CA ALA D 23 -22.11 -16.11 8.13
C ALA D 23 -21.68 -15.15 7.04
N GLU D 24 -22.63 -14.93 6.13
CA GLU D 24 -22.55 -13.93 5.07
C GLU D 24 -23.73 -13.01 5.27
N TYR D 25 -23.61 -11.76 4.84
CA TYR D 25 -24.59 -10.75 5.12
C TYR D 25 -24.82 -9.97 3.86
N VAL D 26 -26.09 -9.56 3.64
CA VAL D 26 -26.46 -8.82 2.44
C VAL D 26 -27.22 -7.57 2.83
N ILE D 27 -26.79 -6.44 2.26
CA ILE D 27 -27.50 -5.18 2.35
C ILE D 27 -27.96 -4.75 0.96
N TYR D 28 -29.00 -3.93 0.95
CA TYR D 28 -29.67 -3.53 -0.29
C TYR D 28 -29.58 -2.00 -0.49
N ARG D 29 -28.81 -1.33 0.36
CA ARG D 29 -28.54 0.09 0.24
C ARG D 29 -27.04 0.26 0.42
N GLY D 30 -26.39 0.90 -0.53
CA GLY D 30 -24.94 1.20 -0.40
C GLY D 30 -24.55 2.00 0.83
N GLU D 31 -25.44 2.88 1.28
CA GLU D 31 -25.18 3.72 2.43
C GLU D 31 -25.15 2.98 3.75
N GLN D 32 -25.49 1.69 3.80
CA GLN D 32 -25.38 0.89 5.03
C GLN D 32 -24.01 0.27 5.24
N ALA D 33 -23.05 0.61 4.39
CA ALA D 33 -21.68 0.17 4.60
C ALA D 33 -20.66 1.32 4.43
N TYR D 34 -19.63 1.31 5.26
CA TYR D 34 -18.52 2.22 5.08
C TYR D 34 -17.25 1.39 4.99
N PRO D 35 -16.42 1.62 3.93
CA PRO D 35 -15.17 0.85 3.73
C PRO D 35 -13.99 1.33 4.58
N GLU D 36 -13.95 0.94 5.83
CA GLU D 36 -13.06 1.58 6.78
C GLU D 36 -11.56 1.27 6.67
N TYR D 37 -11.23 0.02 6.33
CA TYR D 37 -9.86 -0.41 6.17
C TYR D 37 -9.63 -1.06 4.81
N LEU D 38 -8.55 -0.64 4.15
CA LEU D 38 -8.03 -1.29 2.94
C LEU D 38 -6.79 -2.11 3.29
N ILE D 39 -6.89 -3.42 3.07
CA ILE D 39 -5.86 -4.38 3.42
C ILE D 39 -5.22 -4.92 2.15
N THR D 40 -3.90 -4.78 2.03
CA THR D 40 -3.09 -5.29 0.91
C THR D 40 -2.31 -6.50 1.40
N TYR D 41 -2.37 -7.61 0.66
CA TYR D 41 -1.85 -8.90 1.17
C TYR D 41 -1.54 -9.87 0.04
N GLN D 42 -0.79 -10.91 0.38
CA GLN D 42 -0.65 -12.08 -0.48
C GLN D 42 -1.23 -13.28 0.27
N ILE D 43 -1.77 -14.25 -0.44
CA ILE D 43 -2.07 -15.56 0.21
C ILE D 43 -0.75 -16.32 0.27
N MET D 44 -0.50 -17.12 1.31
CA MET D 44 0.76 -17.85 1.45
C MET D 44 0.66 -19.37 1.08
N ARG D 45 1.62 -19.86 0.31
CA ARG D 45 1.66 -21.30 -0.05
C ARG D 45 1.90 -22.15 1.19
N PRO D 46 1.03 -23.13 1.50
CA PRO D 46 1.29 -23.92 2.68
C PRO D 46 2.63 -24.67 2.65
N GLU D 47 3.20 -24.93 3.82
CA GLU D 47 4.36 -25.82 3.93
C GLU D 47 3.95 -27.07 4.65
ZN ZN E . 9.96 22.24 11.67
S SO4 F . 1.11 6.98 -2.35
O1 SO4 F . 1.72 6.08 -3.32
O2 SO4 F . 2.20 7.54 -1.54
O3 SO4 F . 0.25 6.15 -1.50
O4 SO4 F . 0.29 7.96 -3.11
FAA 06R G . 15.65 3.02 7.76
CAB 06R G . 14.27 3.33 7.79
FAC 06R G . 13.62 2.28 8.39
FAD 06R G . 14.01 4.47 8.67
CAE 06R G . 13.80 3.64 6.44
CAF 06R G . 12.64 3.06 5.88
CAG 06R G . 12.21 3.37 4.57
CAH 06R G . 12.90 4.30 3.77
CAI 06R G . 14.05 4.89 4.33
CAJ 06R G . 14.49 4.56 5.63
CAK 06R G . 12.45 4.60 2.43
NAL 06R G . 11.44 3.87 1.87
CAM 06R G . 11.01 4.10 0.61
CAN 06R G . 9.97 3.30 0.13
CAO 06R G . 9.52 3.49 -1.19
CAP 06R G . 10.11 4.48 -1.98
CAQ 06R G . 11.13 5.32 -1.49
CAR 06R G . 11.60 5.13 -0.21
CAS 06R G . 12.65 5.90 0.32
OAT 06R G . 13.20 6.82 -0.30
NAU 06R G . 13.06 5.62 1.63
ZN ZN H . -0.09 -13.34 -10.25
S SO4 I . -17.42 -22.69 0.30
O1 SO4 I . -16.41 -22.60 -0.78
O2 SO4 I . -17.68 -21.35 0.79
O3 SO4 I . -16.92 -23.63 1.35
O4 SO4 I . -18.59 -23.17 -0.35
FAA 06R J . -20.41 -8.75 -8.93
CAB 06R J . -19.28 -8.18 -8.27
FAC 06R J . -18.12 -8.37 -9.09
FAD 06R J . -19.52 -6.72 -8.14
CAE 06R J . -19.13 -8.76 -6.95
CAF 06R J . -18.31 -8.19 -5.97
CAG 06R J . -18.18 -8.76 -4.70
CAH 06R J . -18.84 -9.94 -4.37
CAI 06R J . -19.66 -10.52 -5.34
CAJ 06R J . -19.80 -9.94 -6.60
CAK 06R J . -18.77 -10.55 -3.09
NAL 06R J . -19.63 -11.56 -2.78
CAM 06R J . -19.63 -12.13 -1.55
CAN 06R J . -20.54 -13.18 -1.32
CAO 06R J . -20.57 -13.80 -0.06
CAP 06R J . -19.69 -13.36 0.94
CAQ 06R J . -18.77 -12.31 0.70
CAR 06R J . -18.73 -11.69 -0.53
CAS 06R J . -17.82 -10.67 -0.82
OAT 06R J . -16.99 -10.24 -0.02
NAU 06R J . -17.88 -10.07 -2.09
S SO4 K . 2.35 26.44 -5.79
O1 SO4 K . 2.75 26.36 -7.20
O2 SO4 K . 1.81 27.77 -5.40
O3 SO4 K . 3.53 26.10 -4.93
O4 SO4 K . 1.26 25.49 -5.56
C1 GOL L . -3.24 3.23 -14.59
O1 GOL L . -3.88 3.17 -13.33
C2 GOL L . -1.98 2.36 -14.65
O2 GOL L . -2.23 1.33 -15.65
C3 GOL L . -1.60 1.74 -13.29
O3 GOL L . -0.91 2.71 -12.47
S SO4 M . 1.21 -23.22 6.57
O1 SO4 M . 2.50 -23.84 6.22
O2 SO4 M . 1.04 -22.97 8.01
O3 SO4 M . 0.17 -24.17 6.14
O4 SO4 M . 1.05 -21.91 5.87
#